data_7Z1U
#
_entry.id   7Z1U
#
_cell.length_a   36.850
_cell.length_b   73.920
_cell.length_c   62.830
_cell.angle_alpha   90.000
_cell.angle_beta   105.050
_cell.angle_gamma   90.000
#
_symmetry.space_group_name_H-M   'P 1 21 1'
#
loop_
_entity.id
_entity.type
_entity.pdbx_description
1 polymer 'Non-symbiotic hemoglobin class 1'
2 non-polymer 'PROTOPORPHYRIN IX CONTAINING FE'
3 water water
#
_entity_poly.entity_id   1
_entity_poly.type   'polypeptide(L)'
_entity_poly.pdbx_seq_one_letter_code
;MSFTNVNYPASDGTVIFTEEQEALVVQSWNVMKKNSAELGLKLFLKIFEIAPTAKKMFSFVRDSDVPLEQNQKLKGHAMS
VFVMTAKSAAQLRKAGKVTFGESSLKHMGSVHLKYGVVDEHFEVTRFALLETIKEAVPEMWSPEMKNAWAEAFNHLVAAI
KAEMQRLSTQP
;
_entity_poly.pdbx_strand_id   A,B
#
loop_
_chem_comp.id
_chem_comp.type
_chem_comp.name
_chem_comp.formula
HEM non-polymer 'PROTOPORPHYRIN IX CONTAINING FE' 'C34 H32 Fe N4 O4'
#
# COMPACT_ATOMS: atom_id res chain seq x y z
N VAL A 15 17.25 5.27 -21.22
CA VAL A 15 17.13 3.87 -20.80
C VAL A 15 16.60 3.02 -21.95
N ILE A 16 16.69 1.70 -21.81
CA ILE A 16 16.29 0.76 -22.84
C ILE A 16 14.91 0.21 -22.51
N PHE A 17 14.05 0.13 -23.53
CA PHE A 17 12.68 -0.36 -23.36
C PHE A 17 12.32 -1.11 -24.63
N THR A 18 12.24 -2.44 -24.53
CA THR A 18 12.07 -3.28 -25.72
C THR A 18 10.71 -3.03 -26.38
N GLU A 19 10.62 -3.42 -27.65
CA GLU A 19 9.37 -3.27 -28.39
C GLU A 19 8.30 -4.21 -27.87
N GLU A 20 8.68 -5.39 -27.36
CA GLU A 20 7.70 -6.31 -26.79
C GLU A 20 7.07 -5.73 -25.53
N GLN A 21 7.88 -5.05 -24.70
CA GLN A 21 7.33 -4.40 -23.51
C GLN A 21 6.36 -3.29 -23.90
N GLU A 22 6.65 -2.59 -25.00
CA GLU A 22 5.74 -1.54 -25.46
C GLU A 22 4.42 -2.16 -25.93
N ALA A 23 4.49 -3.23 -26.70
CA ALA A 23 3.28 -3.87 -27.19
C ALA A 23 2.43 -4.43 -26.05
N LEU A 24 3.09 -4.95 -25.01
CA LEU A 24 2.36 -5.48 -23.86
C LEU A 24 1.52 -4.41 -23.19
N VAL A 25 2.05 -3.19 -23.07
CA VAL A 25 1.30 -2.11 -22.43
C VAL A 25 0.25 -1.56 -23.38
N VAL A 26 0.63 -1.31 -24.64
CA VAL A 26 -0.29 -0.72 -25.60
C VAL A 26 -1.49 -1.65 -25.85
N GLN A 27 -1.21 -2.92 -26.12
CA GLN A 27 -2.28 -3.86 -26.42
C GLN A 27 -3.19 -4.08 -25.21
N SER A 28 -2.61 -4.17 -24.02
CA SER A 28 -3.43 -4.35 -22.83
C SER A 28 -4.25 -3.10 -22.53
N TRP A 29 -3.69 -1.92 -22.78
CA TRP A 29 -4.45 -0.69 -22.57
C TRP A 29 -5.54 -0.53 -23.61
N ASN A 30 -5.29 -0.98 -24.85
CA ASN A 30 -6.34 -0.96 -25.87
C ASN A 30 -7.56 -1.76 -25.43
N VAL A 31 -7.34 -2.84 -24.68
CA VAL A 31 -8.46 -3.63 -24.18
C VAL A 31 -9.16 -2.93 -23.02
N MET A 32 -8.39 -2.24 -22.17
CA MET A 32 -8.94 -1.60 -20.98
C MET A 32 -9.50 -0.20 -21.24
N LYS A 33 -9.40 0.32 -22.47
CA LYS A 33 -9.85 1.68 -22.74
C LYS A 33 -11.33 1.87 -22.46
N LYS A 34 -12.16 0.88 -22.82
CA LYS A 34 -13.60 1.06 -22.70
C LYS A 34 -14.05 1.00 -21.25
N ASN A 35 -13.41 0.18 -20.43
CA ASN A 35 -13.72 0.06 -19.01
C ASN A 35 -12.86 1.00 -18.16
N SER A 36 -12.26 2.03 -18.76
CA SER A 36 -11.33 2.89 -18.02
C SER A 36 -12.03 3.58 -16.85
N ALA A 37 -13.30 3.95 -17.02
CA ALA A 37 -14.03 4.60 -15.94
C ALA A 37 -14.15 3.69 -14.73
N GLU A 38 -14.66 2.47 -14.94
CA GLU A 38 -14.81 1.53 -13.83
C GLU A 38 -13.45 1.09 -13.30
N LEU A 39 -12.47 0.90 -14.18
CA LEU A 39 -11.12 0.57 -13.73
C LEU A 39 -10.47 1.69 -12.95
N GLY A 40 -10.94 2.93 -13.14
CA GLY A 40 -10.40 4.04 -12.35
C GLY A 40 -10.91 4.01 -10.92
N LEU A 41 -12.22 3.80 -10.74
CA LEU A 41 -12.78 3.70 -9.40
C LEU A 41 -12.17 2.54 -8.63
N LYS A 42 -12.01 1.38 -9.28
CA LYS A 42 -11.42 0.25 -8.59
C LYS A 42 -9.96 0.50 -8.22
N LEU A 43 -9.23 1.23 -9.07
CA LEU A 43 -7.84 1.56 -8.76
C LEU A 43 -7.75 2.34 -7.45
N PHE A 44 -8.59 3.36 -7.29
CA PHE A 44 -8.56 4.16 -6.08
C PHE A 44 -9.20 3.44 -4.90
N LEU A 45 -10.06 2.45 -5.16
CA LEU A 45 -10.59 1.64 -4.07
C LEU A 45 -9.48 0.86 -3.39
N LYS A 46 -8.55 0.30 -4.19
CA LYS A 46 -7.42 -0.42 -3.61
C LYS A 46 -6.42 0.55 -2.98
N ILE A 47 -6.24 1.73 -3.57
CA ILE A 47 -5.36 2.74 -2.97
C ILE A 47 -5.91 3.15 -1.60
N PHE A 48 -7.19 3.52 -1.56
CA PHE A 48 -7.79 3.95 -0.30
C PHE A 48 -8.02 2.79 0.67
N GLU A 49 -7.96 1.55 0.19
CA GLU A 49 -8.03 0.41 1.10
C GLU A 49 -6.68 0.13 1.74
N ILE A 50 -5.59 0.24 0.96
CA ILE A 50 -4.26 0.00 1.51
C ILE A 50 -3.84 1.15 2.42
N ALA A 51 -4.05 2.39 1.96
CA ALA A 51 -3.68 3.59 2.70
C ALA A 51 -4.83 4.57 2.68
N PRO A 52 -5.78 4.46 3.62
CA PRO A 52 -6.93 5.38 3.62
C PRO A 52 -6.56 6.84 3.83
N THR A 53 -5.40 7.13 4.43
CA THR A 53 -4.98 8.51 4.62
C THR A 53 -4.68 9.22 3.30
N ALA A 54 -4.58 8.48 2.20
CA ALA A 54 -4.39 9.11 0.89
C ALA A 54 -5.59 9.95 0.47
N LYS A 55 -6.76 9.71 1.06
CA LYS A 55 -7.94 10.51 0.74
C LYS A 55 -7.72 11.98 1.11
N LYS A 56 -6.94 12.24 2.18
CA LYS A 56 -6.78 13.60 2.66
C LYS A 56 -6.09 14.50 1.64
N MET A 57 -5.23 13.93 0.79
CA MET A 57 -4.57 14.73 -0.23
C MET A 57 -5.56 15.23 -1.29
N PHE A 58 -6.63 14.50 -1.52
CA PHE A 58 -7.65 14.90 -2.48
C PHE A 58 -8.75 15.67 -1.76
N SER A 59 -9.02 16.89 -2.22
CA SER A 59 -10.04 17.75 -1.61
C SER A 59 -11.45 17.40 -2.06
N PHE A 60 -11.61 16.34 -2.84
CA PHE A 60 -12.93 15.93 -3.31
C PHE A 60 -13.23 14.49 -2.88
N LEU A 68 -21.05 11.12 -4.28
CA LEU A 68 -19.94 11.37 -3.37
C LEU A 68 -18.88 10.28 -3.45
N GLU A 69 -19.33 9.02 -3.56
CA GLU A 69 -18.39 7.90 -3.59
C GLU A 69 -17.86 7.66 -5.00
N GLN A 70 -18.71 7.85 -6.01
CA GLN A 70 -18.26 7.92 -7.39
C GLN A 70 -17.99 9.39 -7.68
N ASN A 71 -16.79 9.83 -7.29
CA ASN A 71 -16.37 11.21 -7.53
C ASN A 71 -15.61 11.29 -8.85
N GLN A 72 -15.99 12.28 -9.66
CA GLN A 72 -15.53 12.32 -11.04
C GLN A 72 -14.03 12.64 -11.12
N LYS A 73 -13.55 13.60 -10.32
CA LYS A 73 -12.12 13.88 -10.33
C LYS A 73 -11.30 12.79 -9.69
N LEU A 74 -11.89 11.94 -8.84
CA LEU A 74 -11.17 10.76 -8.37
C LEU A 74 -10.97 9.76 -9.50
N LYS A 75 -11.95 9.64 -10.40
CA LYS A 75 -11.79 8.81 -11.59
C LYS A 75 -10.91 9.51 -12.62
N GLY A 76 -11.11 10.81 -12.82
CA GLY A 76 -10.29 11.54 -13.78
C GLY A 76 -8.82 11.53 -13.45
N HIS A 77 -8.49 11.57 -12.16
CA HIS A 77 -7.09 11.40 -11.76
C HIS A 77 -6.62 9.97 -12.04
N ALA A 78 -7.44 8.98 -11.69
CA ALA A 78 -7.09 7.60 -11.99
C ALA A 78 -7.04 7.35 -13.49
N MET A 79 -7.88 8.04 -14.25
CA MET A 79 -7.75 8.02 -15.71
C MET A 79 -6.37 8.46 -16.14
N SER A 80 -5.87 9.56 -15.57
CA SER A 80 -4.56 10.09 -15.95
C SER A 80 -3.44 9.10 -15.65
N VAL A 81 -3.49 8.45 -14.48
CA VAL A 81 -2.46 7.47 -14.12
C VAL A 81 -2.42 6.34 -15.15
N PHE A 82 -3.58 5.93 -15.65
CA PHE A 82 -3.61 4.88 -16.67
C PHE A 82 -3.07 5.37 -18.00
N VAL A 83 -3.60 6.49 -18.50
CA VAL A 83 -3.32 6.90 -19.87
C VAL A 83 -1.90 7.44 -19.99
N MET A 84 -1.40 8.14 -18.96
CA MET A 84 -0.05 8.68 -19.03
C MET A 84 1.00 7.58 -18.89
N THR A 85 0.66 6.48 -18.21
CA THR A 85 1.59 5.35 -18.13
C THR A 85 1.70 4.63 -19.47
N ALA A 86 0.57 4.41 -20.16
CA ALA A 86 0.61 3.80 -21.48
C ALA A 86 1.33 4.71 -22.47
N LYS A 87 1.09 6.02 -22.38
CA LYS A 87 1.81 6.97 -23.23
C LYS A 87 3.30 6.99 -22.91
N SER A 88 3.67 6.75 -21.65
CA SER A 88 5.09 6.72 -21.28
C SER A 88 5.81 5.56 -21.95
N ALA A 89 5.14 4.40 -22.05
CA ALA A 89 5.76 3.23 -22.66
C ALA A 89 6.12 3.48 -24.11
N ALA A 90 5.32 4.29 -24.82
CA ALA A 90 5.65 4.61 -26.21
C ALA A 90 6.86 5.53 -26.29
N GLN A 91 7.01 6.44 -25.33
CA GLN A 91 8.18 7.33 -25.32
C GLN A 91 9.44 6.56 -24.98
N LEU A 92 9.35 5.61 -24.05
CA LEU A 92 10.53 4.84 -23.65
C LEU A 92 11.04 3.99 -24.81
N ARG A 93 10.16 3.59 -25.73
CA ARG A 93 10.59 2.83 -26.90
C ARG A 93 11.09 3.75 -28.00
N LYS A 94 10.44 4.90 -28.20
CA LYS A 94 10.80 5.78 -29.29
C LYS A 94 12.11 6.51 -29.03
N ALA A 95 12.21 7.16 -27.86
CA ALA A 95 13.38 7.97 -27.53
C ALA A 95 14.19 7.42 -26.36
N GLY A 96 13.60 6.59 -25.51
CA GLY A 96 14.28 6.05 -24.36
C GLY A 96 14.13 6.84 -23.08
N LYS A 97 13.19 7.79 -23.03
CA LYS A 97 12.97 8.59 -21.83
C LYS A 97 11.53 9.09 -21.88
N VAL A 98 11.08 9.64 -20.76
CA VAL A 98 9.74 10.19 -20.64
C VAL A 98 9.81 11.69 -20.87
N THR A 99 9.14 12.17 -21.92
CA THR A 99 9.15 13.56 -22.31
C THR A 99 7.78 14.18 -22.06
N PHE A 100 7.75 15.28 -21.32
CA PHE A 100 6.54 16.05 -21.12
C PHE A 100 6.57 17.31 -21.98
N GLY A 101 5.40 17.92 -22.14
CA GLY A 101 5.28 19.11 -22.95
C GLY A 101 5.47 20.38 -22.14
N GLU A 102 5.40 21.51 -22.85
CA GLU A 102 5.57 22.80 -22.22
C GLU A 102 4.43 23.08 -21.25
N SER A 103 4.78 23.67 -20.10
CA SER A 103 3.83 23.99 -19.02
C SER A 103 3.13 22.73 -18.50
N SER A 104 3.69 21.56 -18.74
CA SER A 104 3.13 20.30 -18.27
C SER A 104 4.02 19.61 -17.25
N LEU A 105 5.32 19.52 -17.52
CA LEU A 105 6.24 18.92 -16.56
C LEU A 105 6.28 19.70 -15.26
N LYS A 106 6.31 21.04 -15.35
CA LYS A 106 6.29 21.86 -14.14
C LYS A 106 4.97 21.75 -13.41
N HIS A 107 3.86 21.55 -14.13
CA HIS A 107 2.57 21.40 -13.47
C HIS A 107 2.49 20.09 -12.70
N MET A 108 3.01 19.01 -13.28
CA MET A 108 3.02 17.72 -12.59
C MET A 108 3.83 17.81 -11.30
N GLY A 109 5.04 18.37 -11.39
CA GLY A 109 5.87 18.51 -10.20
C GLY A 109 5.27 19.45 -9.17
N SER A 110 4.68 20.56 -9.63
CA SER A 110 4.15 21.54 -8.69
C SER A 110 2.96 20.99 -7.91
N VAL A 111 2.07 20.26 -8.57
CA VAL A 111 0.88 19.76 -7.90
C VAL A 111 1.24 18.69 -6.87
N HIS A 112 2.02 17.69 -7.28
CA HIS A 112 2.38 16.62 -6.35
C HIS A 112 3.21 17.14 -5.18
N LEU A 113 4.06 18.14 -5.43
CA LEU A 113 4.82 18.76 -4.36
C LEU A 113 3.92 19.53 -3.41
N LYS A 114 2.94 20.26 -3.96
CA LYS A 114 2.07 21.11 -3.15
C LYS A 114 1.22 20.31 -2.18
N TYR A 115 0.83 19.09 -2.55
CA TYR A 115 0.01 18.24 -1.71
C TYR A 115 0.82 17.23 -0.91
N GLY A 116 2.15 17.29 -0.99
CA GLY A 116 3.01 16.43 -0.20
C GLY A 116 2.92 14.97 -0.58
N VAL A 117 3.02 14.67 -1.87
CA VAL A 117 3.05 13.29 -2.33
C VAL A 117 4.44 12.72 -2.09
N VAL A 118 4.51 11.69 -1.27
CA VAL A 118 5.78 11.09 -0.89
C VAL A 118 5.94 9.77 -1.65
N ASP A 119 7.12 9.16 -1.51
CA ASP A 119 7.42 7.94 -2.26
C ASP A 119 6.43 6.82 -1.93
N GLU A 120 6.02 6.71 -0.66
CA GLU A 120 5.06 5.69 -0.27
C GLU A 120 3.75 5.81 -1.05
N HIS A 121 3.34 7.03 -1.39
CA HIS A 121 2.12 7.21 -2.16
C HIS A 121 2.27 6.70 -3.58
N PHE A 122 3.43 6.95 -4.19
CA PHE A 122 3.68 6.47 -5.55
C PHE A 122 3.77 4.95 -5.58
N GLU A 123 4.38 4.35 -4.56
CA GLU A 123 4.59 2.91 -4.55
C GLU A 123 3.32 2.14 -4.21
N VAL A 124 2.45 2.70 -3.37
CA VAL A 124 1.14 2.08 -3.14
C VAL A 124 0.30 2.16 -4.40
N THR A 125 0.36 3.30 -5.11
CA THR A 125 -0.37 3.45 -6.36
C THR A 125 0.11 2.46 -7.41
N ARG A 126 1.42 2.22 -7.47
CA ARG A 126 1.95 1.24 -8.40
C ARG A 126 1.43 -0.15 -8.09
N PHE A 127 1.43 -0.52 -6.80
CA PHE A 127 0.92 -1.83 -6.40
C PHE A 127 -0.55 -1.97 -6.78
N ALA A 128 -1.35 -0.94 -6.49
CA ALA A 128 -2.78 -0.98 -6.82
C ALA A 128 -3.00 -0.99 -8.32
N LEU A 129 -2.14 -0.29 -9.08
CA LEU A 129 -2.28 -0.28 -10.53
C LEU A 129 -2.09 -1.68 -11.11
N LEU A 130 -1.04 -2.38 -10.66
CA LEU A 130 -0.80 -3.73 -11.12
C LEU A 130 -1.90 -4.68 -10.69
N GLU A 131 -2.48 -4.46 -9.51
CA GLU A 131 -3.60 -5.29 -9.06
C GLU A 131 -4.86 -5.01 -9.89
N THR A 132 -4.99 -3.81 -10.46
CA THR A 132 -6.14 -3.51 -11.30
C THR A 132 -5.93 -3.96 -12.74
N ILE A 133 -4.68 -4.15 -13.15
CA ILE A 133 -4.36 -4.68 -14.48
C ILE A 133 -4.34 -6.21 -14.46
N LYS A 134 -4.23 -6.82 -13.28
CA LYS A 134 -4.21 -8.28 -13.18
C LYS A 134 -5.62 -8.84 -13.08
N GLU A 135 -6.56 -8.06 -12.54
CA GLU A 135 -7.94 -8.49 -12.39
C GLU A 135 -8.82 -7.97 -13.52
N ALA A 136 -8.29 -7.11 -14.37
CA ALA A 136 -9.04 -6.59 -15.52
C ALA A 136 -8.97 -7.60 -16.65
N VAL A 137 -7.78 -7.75 -17.25
CA VAL A 137 -7.51 -8.81 -18.21
C VAL A 137 -6.84 -9.94 -17.45
N PRO A 138 -7.56 -11.01 -17.08
CA PRO A 138 -6.90 -12.14 -16.42
C PRO A 138 -6.09 -13.04 -17.34
N GLU A 139 -6.34 -13.02 -18.65
CA GLU A 139 -5.67 -13.92 -19.59
C GLU A 139 -4.57 -13.25 -20.39
N MET A 140 -4.30 -11.97 -20.16
CA MET A 140 -3.20 -11.28 -20.83
C MET A 140 -1.96 -11.13 -19.97
N TRP A 141 -2.14 -11.07 -18.64
CA TRP A 141 -1.06 -10.78 -17.72
C TRP A 141 -0.01 -11.88 -17.78
N SER A 142 1.21 -11.53 -17.40
CA SER A 142 2.36 -12.43 -17.48
C SER A 142 3.48 -11.84 -16.64
N PRO A 143 4.41 -12.68 -16.16
CA PRO A 143 5.62 -12.16 -15.51
C PRO A 143 6.38 -11.17 -16.37
N GLU A 144 6.11 -11.15 -17.68
CA GLU A 144 6.66 -10.12 -18.56
C GLU A 144 5.73 -8.92 -18.72
N MET A 145 4.43 -9.09 -18.47
CA MET A 145 3.49 -7.98 -18.62
C MET A 145 3.65 -6.96 -17.50
N LYS A 146 3.79 -7.42 -16.26
CA LYS A 146 3.90 -6.50 -15.12
C LYS A 146 5.16 -5.64 -15.23
N ASN A 147 6.29 -6.24 -15.60
CA ASN A 147 7.53 -5.48 -15.75
C ASN A 147 7.40 -4.40 -16.81
N ALA A 148 6.60 -4.65 -17.85
CA ALA A 148 6.36 -3.61 -18.85
C ALA A 148 5.60 -2.44 -18.26
N TRP A 149 4.50 -2.72 -17.56
CA TRP A 149 3.74 -1.66 -16.91
C TRP A 149 4.51 -1.06 -15.74
N ALA A 150 5.33 -1.87 -15.05
CA ALA A 150 6.08 -1.37 -13.91
C ALA A 150 7.15 -0.37 -14.34
N GLU A 151 7.95 -0.74 -15.34
CA GLU A 151 9.01 0.16 -15.81
C GLU A 151 8.42 1.41 -16.45
N ALA A 152 7.30 1.27 -17.17
CA ALA A 152 6.64 2.43 -17.73
C ALA A 152 6.11 3.35 -16.62
N PHE A 153 5.63 2.75 -15.53
CA PHE A 153 5.16 3.54 -14.40
C PHE A 153 6.32 4.13 -13.60
N ASN A 154 7.43 3.39 -13.49
CA ASN A 154 8.57 3.88 -12.72
C ASN A 154 9.23 5.06 -13.41
N HIS A 155 9.47 4.95 -14.73
CA HIS A 155 10.06 6.06 -15.47
C HIS A 155 9.16 7.28 -15.46
N LEU A 156 7.83 7.07 -15.48
CA LEU A 156 6.91 8.18 -15.36
C LEU A 156 7.01 8.85 -14.00
N VAL A 157 7.08 8.05 -12.92
CA VAL A 157 7.22 8.61 -11.58
C VAL A 157 8.57 9.31 -11.43
N ALA A 158 9.62 8.72 -12.01
CA ALA A 158 10.96 9.33 -11.92
C ALA A 158 10.97 10.72 -12.56
N ALA A 159 10.23 10.90 -13.66
CA ALA A 159 10.15 12.22 -14.28
C ALA A 159 9.35 13.19 -13.41
N ILE A 160 8.26 12.72 -12.82
CA ILE A 160 7.48 13.56 -11.91
C ILE A 160 8.31 13.92 -10.68
N LYS A 161 9.06 12.95 -10.16
CA LYS A 161 9.90 13.20 -8.99
C LYS A 161 11.11 14.05 -9.33
N ALA A 162 11.61 13.94 -10.57
CA ALA A 162 12.73 14.78 -10.99
C ALA A 162 12.35 16.26 -11.00
N GLU A 163 11.13 16.58 -11.43
CA GLU A 163 10.66 17.95 -11.40
C GLU A 163 10.23 18.38 -10.00
N MET A 164 9.90 17.43 -9.13
CA MET A 164 9.61 17.79 -7.74
C MET A 164 10.90 18.10 -6.99
N GLN A 165 11.97 17.33 -7.26
CA GLN A 165 13.26 17.57 -6.64
C GLN A 165 14.08 18.64 -7.34
N ARG A 166 13.56 19.25 -8.41
CA ARG A 166 14.24 20.34 -9.10
C ARG A 166 13.74 21.72 -8.64
N LEU A 167 13.35 21.84 -7.38
CA LEU A 167 12.96 23.15 -6.87
C LEU A 167 14.06 23.71 -5.96
N SER A 168 15.28 23.72 -6.47
CA SER A 168 16.42 24.19 -5.69
C SER A 168 16.47 25.72 -5.68
N ILE B 16 -14.75 0.04 23.72
CA ILE B 16 -15.63 -1.13 23.84
C ILE B 16 -15.26 -2.17 22.79
N PHE B 17 -15.19 -3.43 23.21
CA PHE B 17 -14.83 -4.52 22.31
C PHE B 17 -15.65 -5.74 22.74
N THR B 18 -16.61 -6.13 21.92
CA THR B 18 -17.56 -7.17 22.29
C THR B 18 -16.87 -8.52 22.48
N GLU B 19 -17.55 -9.41 23.19
CA GLU B 19 -17.01 -10.75 23.42
C GLU B 19 -16.98 -11.58 22.14
N GLU B 20 -17.93 -11.33 21.22
CA GLU B 20 -17.92 -12.06 19.95
C GLU B 20 -16.69 -11.70 19.13
N GLN B 21 -16.30 -10.42 19.14
CA GLN B 21 -15.09 -10.00 18.44
C GLN B 21 -13.84 -10.62 19.08
N GLU B 22 -13.85 -10.80 20.40
CA GLU B 22 -12.71 -11.41 21.07
C GLU B 22 -12.52 -12.86 20.65
N ALA B 23 -13.63 -13.63 20.62
CA ALA B 23 -13.54 -15.04 20.27
C ALA B 23 -13.03 -15.23 18.84
N LEU B 24 -13.40 -14.33 17.93
CA LEU B 24 -12.94 -14.44 16.55
C LEU B 24 -11.42 -14.33 16.46
N VAL B 25 -10.82 -13.42 17.24
CA VAL B 25 -9.37 -13.26 17.20
C VAL B 25 -8.67 -14.36 17.97
N VAL B 26 -9.16 -14.68 19.17
CA VAL B 26 -8.50 -15.67 20.02
C VAL B 26 -8.49 -17.03 19.33
N GLN B 27 -9.64 -17.47 18.83
CA GLN B 27 -9.72 -18.78 18.19
C GLN B 27 -8.89 -18.84 16.92
N SER B 28 -8.92 -17.78 16.11
CA SER B 28 -8.16 -17.77 14.87
C SER B 28 -6.65 -17.72 15.13
N TRP B 29 -6.23 -17.00 16.17
CA TRP B 29 -4.80 -16.95 16.48
C TRP B 29 -4.31 -18.28 17.05
N ASN B 30 -5.17 -19.00 17.80
CA ASN B 30 -4.78 -20.32 18.30
C ASN B 30 -4.38 -21.25 17.17
N VAL B 31 -5.01 -21.12 16.00
CA VAL B 31 -4.66 -21.94 14.86
C VAL B 31 -3.35 -21.45 14.24
N MET B 32 -3.13 -20.13 14.23
CA MET B 32 -1.96 -19.54 13.59
C MET B 32 -0.72 -19.56 14.48
N LYS B 33 -0.83 -20.04 15.71
CA LYS B 33 0.32 -20.02 16.61
C LYS B 33 1.47 -20.85 16.07
N LYS B 34 1.17 -22.00 15.45
CA LYS B 34 2.24 -22.88 14.99
C LYS B 34 2.96 -22.31 13.77
N ASN B 35 2.23 -21.65 12.88
CA ASN B 35 2.81 -21.05 11.69
C ASN B 35 3.18 -19.59 11.91
N SER B 36 3.31 -19.14 13.15
CA SER B 36 3.56 -17.73 13.43
C SER B 36 4.88 -17.27 12.85
N ALA B 37 5.90 -18.14 12.85
CA ALA B 37 7.21 -17.76 12.36
C ALA B 37 7.17 -17.37 10.89
N GLU B 38 6.66 -18.26 10.04
CA GLU B 38 6.59 -17.96 8.61
C GLU B 38 5.59 -16.85 8.33
N LEU B 39 4.51 -16.76 9.10
CA LEU B 39 3.55 -15.67 8.92
C LEU B 39 4.18 -14.31 9.18
N GLY B 40 5.28 -14.26 9.92
CA GLY B 40 5.96 -12.99 10.13
C GLY B 40 6.69 -12.53 8.88
N LEU B 41 7.45 -13.43 8.26
CA LEU B 41 8.14 -13.09 7.03
C LEU B 41 7.15 -12.70 5.93
N LYS B 42 6.02 -13.41 5.85
CA LYS B 42 5.01 -13.10 4.85
C LYS B 42 4.42 -11.71 5.06
N LEU B 43 4.24 -11.31 6.32
CA LEU B 43 3.71 -9.98 6.62
C LEU B 43 4.61 -8.89 6.05
N PHE B 44 5.91 -8.97 6.32
CA PHE B 44 6.84 -7.95 5.84
C PHE B 44 7.17 -8.09 4.36
N LEU B 45 7.03 -9.27 3.78
CA LEU B 45 7.21 -9.41 2.34
C LEU B 45 6.17 -8.61 1.58
N LYS B 46 4.91 -8.65 2.03
CA LYS B 46 3.87 -7.85 1.40
C LYS B 46 4.01 -6.37 1.72
N ILE B 47 4.48 -6.04 2.93
CA ILE B 47 4.70 -4.65 3.30
C ILE B 47 5.75 -4.03 2.38
N PHE B 48 6.90 -4.70 2.25
CA PHE B 48 7.98 -4.19 1.41
C PHE B 48 7.67 -4.30 -0.08
N GLU B 49 6.66 -5.09 -0.46
CA GLU B 49 6.23 -5.13 -1.85
C GLU B 49 5.31 -3.96 -2.17
N ILE B 50 4.41 -3.63 -1.24
CA ILE B 50 3.49 -2.51 -1.47
C ILE B 50 4.24 -1.18 -1.35
N ALA B 51 5.06 -1.03 -0.32
CA ALA B 51 5.82 0.19 -0.07
C ALA B 51 7.27 -0.17 0.25
N PRO B 52 8.10 -0.33 -0.79
CA PRO B 52 9.51 -0.71 -0.54
C PRO B 52 10.31 0.33 0.23
N THR B 53 9.90 1.60 0.22
CA THR B 53 10.62 2.62 0.99
C THR B 53 10.55 2.38 2.49
N ALA B 54 9.67 1.49 2.96
CA ALA B 54 9.63 1.15 4.38
C ALA B 54 10.91 0.47 4.83
N LYS B 55 11.67 -0.12 3.92
CA LYS B 55 12.95 -0.74 4.29
C LYS B 55 13.92 0.27 4.86
N LYS B 56 13.86 1.52 4.39
CA LYS B 56 14.83 2.53 4.82
C LYS B 56 14.71 2.81 6.31
N MET B 57 13.51 2.67 6.88
CA MET B 57 13.35 2.87 8.31
C MET B 57 14.05 1.77 9.12
N PHE B 58 14.18 0.58 8.54
CA PHE B 58 14.87 -0.52 9.21
C PHE B 58 16.33 -0.54 8.77
N SER B 59 17.03 -1.61 9.10
CA SER B 59 18.44 -1.75 8.76
C SER B 59 18.61 -2.22 7.31
N LEU B 68 20.73 -10.59 2.59
CA LEU B 68 20.76 -10.61 4.05
C LEU B 68 19.39 -10.92 4.63
N GLU B 69 18.36 -10.29 4.06
CA GLU B 69 16.99 -10.43 4.58
C GLU B 69 16.31 -11.65 3.97
N GLN B 70 16.83 -12.82 4.33
CA GLN B 70 16.11 -14.06 4.09
C GLN B 70 15.28 -14.29 5.34
N ASN B 71 15.87 -14.94 6.35
CA ASN B 71 15.30 -14.98 7.69
C ASN B 71 16.04 -13.95 8.53
N GLN B 72 15.29 -13.12 9.26
CA GLN B 72 15.88 -11.95 9.90
C GLN B 72 15.08 -11.63 11.16
N LYS B 73 15.57 -10.65 11.92
CA LYS B 73 14.83 -10.13 13.08
C LYS B 73 13.59 -9.38 12.65
N LEU B 74 13.48 -9.03 11.36
CA LEU B 74 12.24 -8.48 10.83
C LEU B 74 11.09 -9.47 10.99
N LYS B 75 11.40 -10.76 10.98
CA LYS B 75 10.38 -11.76 11.30
C LYS B 75 10.01 -11.68 12.78
N GLY B 76 11.02 -11.56 13.65
CA GLY B 76 10.74 -11.36 15.06
C GLY B 76 9.99 -10.07 15.33
N HIS B 77 10.29 -9.02 14.55
CA HIS B 77 9.50 -7.80 14.63
C HIS B 77 8.08 -8.04 14.15
N ALA B 78 7.93 -8.73 13.02
CA ALA B 78 6.60 -9.09 12.54
C ALA B 78 5.89 -10.04 13.51
N MET B 79 6.65 -10.91 14.19
CA MET B 79 6.09 -11.69 15.28
C MET B 79 5.44 -10.78 16.32
N SER B 80 6.14 -9.69 16.68
CA SER B 80 5.59 -8.76 17.66
C SER B 80 4.27 -8.17 17.18
N VAL B 81 4.20 -7.79 15.90
CA VAL B 81 2.95 -7.25 15.36
C VAL B 81 1.83 -8.27 15.49
N PHE B 82 2.15 -9.55 15.27
CA PHE B 82 1.15 -10.60 15.42
C PHE B 82 0.75 -10.80 16.87
N VAL B 83 1.75 -11.01 17.75
CA VAL B 83 1.44 -11.44 19.11
C VAL B 83 0.86 -10.28 19.93
N MET B 84 1.32 -9.05 19.68
CA MET B 84 0.78 -7.92 20.42
C MET B 84 -0.63 -7.58 19.98
N THR B 85 -0.98 -7.89 18.73
CA THR B 85 -2.35 -7.68 18.27
C THR B 85 -3.30 -8.68 18.91
N ALA B 86 -2.88 -9.94 19.01
CA ALA B 86 -3.70 -10.95 19.68
C ALA B 86 -3.86 -10.62 21.16
N LYS B 87 -2.80 -10.10 21.79
CA LYS B 87 -2.91 -9.67 23.18
C LYS B 87 -3.91 -8.52 23.34
N SER B 88 -4.02 -7.66 22.33
CA SER B 88 -4.94 -6.53 22.44
C SER B 88 -6.40 -7.00 22.47
N ALA B 89 -6.74 -8.01 21.66
CA ALA B 89 -8.13 -8.47 21.61
C ALA B 89 -8.57 -9.02 22.96
N ALA B 90 -7.67 -9.71 23.67
CA ALA B 90 -8.02 -10.21 24.99
C ALA B 90 -8.10 -9.06 26.01
N GLN B 91 -7.23 -8.07 25.88
CA GLN B 91 -7.24 -6.94 26.81
C GLN B 91 -8.45 -6.04 26.56
N LEU B 92 -8.80 -5.81 25.29
CA LEU B 92 -9.94 -4.94 24.98
C LEU B 92 -11.26 -5.52 25.47
N ARG B 93 -11.36 -6.85 25.55
CA ARG B 93 -12.58 -7.47 26.07
C ARG B 93 -12.56 -7.54 27.59
N LYS B 94 -11.39 -7.82 28.19
CA LYS B 94 -11.32 -7.99 29.63
C LYS B 94 -11.45 -6.66 30.37
N ALA B 95 -10.63 -5.67 29.97
CA ALA B 95 -10.60 -4.39 30.67
C ALA B 95 -11.08 -3.22 29.84
N GLY B 96 -11.05 -3.31 28.52
CA GLY B 96 -11.46 -2.21 27.68
C GLY B 96 -10.33 -1.29 27.26
N LYS B 97 -9.08 -1.74 27.37
CA LYS B 97 -7.93 -0.93 27.00
C LYS B 97 -6.80 -1.87 26.60
N VAL B 98 -5.77 -1.28 25.99
CA VAL B 98 -4.58 -2.01 25.55
C VAL B 98 -3.50 -1.83 26.60
N THR B 99 -3.08 -2.93 27.21
CA THR B 99 -2.06 -2.89 28.26
C THR B 99 -0.77 -3.53 27.79
N SER B 104 6.83 -0.49 28.46
CA SER B 104 6.74 -1.01 27.11
C SER B 104 6.02 -0.02 26.19
N LEU B 105 4.90 0.52 26.67
CA LEU B 105 4.15 1.49 25.87
C LEU B 105 4.97 2.73 25.58
N LYS B 106 5.73 3.20 26.59
CA LYS B 106 6.59 4.36 26.36
C LYS B 106 7.70 4.04 25.37
N HIS B 107 8.17 2.80 25.34
CA HIS B 107 9.19 2.41 24.37
C HIS B 107 8.61 2.33 22.97
N MET B 108 7.38 1.82 22.84
CA MET B 108 6.75 1.71 21.52
C MET B 108 6.58 3.09 20.89
N GLY B 109 6.08 4.06 21.65
CA GLY B 109 5.92 5.40 21.12
C GLY B 109 7.25 6.05 20.79
N SER B 110 8.26 5.83 21.63
CA SER B 110 9.56 6.48 21.43
C SER B 110 10.25 5.95 20.18
N VAL B 111 10.22 4.63 19.97
CA VAL B 111 10.95 4.04 18.85
C VAL B 111 10.30 4.43 17.52
N HIS B 112 8.98 4.23 17.42
CA HIS B 112 8.29 4.56 16.18
C HIS B 112 8.37 6.04 15.85
N LEU B 113 8.40 6.89 16.88
CA LEU B 113 8.55 8.33 16.66
C LEU B 113 9.93 8.66 16.09
N LYS B 114 10.98 8.04 16.62
CA LYS B 114 12.33 8.37 16.20
C LYS B 114 12.59 7.98 14.75
N TYR B 115 11.95 6.91 14.27
CA TYR B 115 12.15 6.44 12.89
C TYR B 115 11.10 7.00 11.94
N GLY B 116 10.22 7.87 12.40
CA GLY B 116 9.25 8.52 11.54
C GLY B 116 8.20 7.59 10.95
N VAL B 117 7.59 6.77 11.79
CA VAL B 117 6.49 5.91 11.34
C VAL B 117 5.23 6.76 11.23
N VAL B 118 4.70 6.87 10.03
CA VAL B 118 3.55 7.73 9.76
C VAL B 118 2.32 6.83 9.59
N ASP B 119 1.15 7.48 9.48
CA ASP B 119 -0.10 6.74 9.40
C ASP B 119 -0.13 5.81 8.19
N GLU B 120 0.45 6.26 7.06
CA GLU B 120 0.50 5.41 5.88
C GLU B 120 1.22 4.10 6.16
N HIS B 121 2.24 4.14 7.02
CA HIS B 121 2.96 2.92 7.37
C HIS B 121 2.11 1.99 8.22
N PHE B 122 1.32 2.54 9.15
CA PHE B 122 0.48 1.70 9.99
C PHE B 122 -0.62 1.01 9.17
N GLU B 123 -1.21 1.72 8.21
CA GLU B 123 -2.32 1.16 7.46
C GLU B 123 -1.86 0.18 6.38
N VAL B 124 -0.67 0.40 5.81
CA VAL B 124 -0.12 -0.58 4.88
C VAL B 124 0.18 -1.88 5.61
N THR B 125 0.71 -1.78 6.83
CA THR B 125 0.96 -2.97 7.64
C THR B 125 -0.35 -3.67 7.98
N ARG B 126 -1.41 -2.90 8.26
CA ARG B 126 -2.71 -3.49 8.54
C ARG B 126 -3.25 -4.24 7.33
N PHE B 127 -3.16 -3.64 6.14
CA PHE B 127 -3.62 -4.31 4.94
C PHE B 127 -2.84 -5.60 4.70
N ALA B 128 -1.52 -5.55 4.82
CA ALA B 128 -0.71 -6.74 4.64
C ALA B 128 -1.00 -7.78 5.73
N LEU B 129 -1.28 -7.31 6.96
CA LEU B 129 -1.61 -8.23 8.03
C LEU B 129 -2.92 -8.97 7.73
N LEU B 130 -3.96 -8.23 7.32
CA LEU B 130 -5.23 -8.87 7.00
C LEU B 130 -5.12 -9.80 5.80
N GLU B 131 -4.25 -9.46 4.83
CA GLU B 131 -4.01 -10.37 3.72
C GLU B 131 -3.32 -11.64 4.18
N THR B 132 -2.57 -11.58 5.27
CA THR B 132 -1.94 -12.76 5.86
C THR B 132 -2.86 -13.51 6.80
N ILE B 133 -3.91 -12.86 7.31
CA ILE B 133 -4.86 -13.55 8.17
C ILE B 133 -6.00 -14.20 7.39
N LYS B 134 -6.33 -13.69 6.20
CA LYS B 134 -7.36 -14.31 5.38
C LYS B 134 -6.83 -15.05 4.16
N GLU B 135 -5.76 -14.57 3.53
CA GLU B 135 -5.29 -15.15 2.28
C GLU B 135 -4.05 -16.01 2.39
N ALA B 136 -3.37 -16.04 3.55
CA ALA B 136 -2.13 -16.82 3.61
C ALA B 136 -2.34 -18.30 3.90
N VAL B 137 -2.09 -18.72 5.13
CA VAL B 137 -2.39 -20.09 5.55
C VAL B 137 -3.68 -20.18 6.35
N PRO B 138 -4.11 -19.17 7.12
CA PRO B 138 -5.45 -19.27 7.71
C PRO B 138 -6.50 -19.04 6.64
N GLU B 139 -7.33 -20.04 6.41
CA GLU B 139 -8.29 -20.04 5.32
C GLU B 139 -9.71 -19.73 5.78
N MET B 140 -9.89 -19.37 7.05
CA MET B 140 -11.19 -19.00 7.58
C MET B 140 -11.34 -17.48 7.58
N TRP B 141 -12.52 -17.02 7.18
CA TRP B 141 -12.76 -15.59 6.99
C TRP B 141 -14.25 -15.32 7.05
N SER B 142 -14.58 -14.08 7.39
CA SER B 142 -15.95 -13.60 7.54
C SER B 142 -15.95 -12.08 7.58
N PRO B 143 -17.03 -11.42 7.18
CA PRO B 143 -17.12 -9.96 7.36
C PRO B 143 -16.91 -9.52 8.81
N GLU B 144 -17.09 -10.41 9.77
CA GLU B 144 -16.79 -10.11 11.17
C GLU B 144 -15.39 -10.53 11.57
N MET B 145 -14.79 -11.48 10.85
CA MET B 145 -13.44 -11.92 11.20
C MET B 145 -12.40 -10.86 10.87
N LYS B 146 -12.48 -10.28 9.67
CA LYS B 146 -11.54 -9.22 9.30
C LYS B 146 -11.73 -8.01 10.20
N ASN B 147 -12.98 -7.63 10.46
CA ASN B 147 -13.25 -6.50 11.35
C ASN B 147 -12.75 -6.75 12.76
N ALA B 148 -12.73 -8.02 13.18
CA ALA B 148 -12.22 -8.34 14.51
C ALA B 148 -10.72 -8.06 14.60
N TRP B 149 -9.94 -8.56 13.64
CA TRP B 149 -8.52 -8.26 13.63
C TRP B 149 -8.25 -6.80 13.31
N ALA B 150 -9.11 -6.16 12.51
CA ALA B 150 -8.91 -4.77 12.15
C ALA B 150 -9.04 -3.86 13.38
N GLU B 151 -10.13 -4.04 14.15
CA GLU B 151 -10.31 -3.21 15.34
C GLU B 151 -9.26 -3.51 16.40
N ALA B 152 -8.86 -4.77 16.54
CA ALA B 152 -7.80 -5.11 17.49
C ALA B 152 -6.48 -4.48 17.08
N PHE B 153 -6.23 -4.38 15.78
CA PHE B 153 -5.02 -3.72 15.31
C PHE B 153 -5.13 -2.21 15.43
N ASN B 154 -6.32 -1.65 15.24
CA ASN B 154 -6.51 -0.21 15.30
C ASN B 154 -6.34 0.31 16.73
N HIS B 155 -6.97 -0.36 17.71
CA HIS B 155 -6.82 0.07 19.09
C HIS B 155 -5.39 -0.04 19.57
N LEU B 156 -4.67 -1.07 19.11
CA LEU B 156 -3.25 -1.19 19.45
C LEU B 156 -2.45 -0.06 18.82
N VAL B 157 -2.70 0.25 17.55
CA VAL B 157 -2.00 1.35 16.89
C VAL B 157 -2.39 2.68 17.53
N ALA B 158 -3.66 2.85 17.88
CA ALA B 158 -4.09 4.08 18.53
C ALA B 158 -3.35 4.32 19.84
N ALA B 159 -3.06 3.25 20.57
CA ALA B 159 -2.28 3.38 21.80
C ALA B 159 -0.83 3.72 21.48
N ILE B 160 -0.27 3.10 20.44
CA ILE B 160 1.09 3.43 20.02
C ILE B 160 1.15 4.88 19.54
N LYS B 161 0.13 5.31 18.79
CA LYS B 161 0.13 6.68 18.27
C LYS B 161 -0.14 7.70 19.37
N ALA B 162 -0.90 7.32 20.41
CA ALA B 162 -1.09 8.21 21.53
C ALA B 162 0.22 8.51 22.24
N GLU B 163 1.08 7.49 22.37
CA GLU B 163 2.41 7.68 22.93
C GLU B 163 3.38 8.30 21.92
N MET B 164 3.06 8.23 20.63
CA MET B 164 3.88 8.89 19.61
C MET B 164 3.68 10.41 19.62
N GLN B 165 2.49 10.89 19.99
CA GLN B 165 2.21 12.31 20.08
C GLN B 165 2.84 12.96 21.30
N ARG B 166 3.76 12.21 21.92
CA ARG B 166 4.56 12.66 23.05
C ARG B 166 5.85 13.34 22.57
N LEU B 167 5.74 14.07 21.46
CA LEU B 167 6.82 14.89 20.92
C LEU B 167 6.59 16.33 21.36
N SER B 168 7.28 17.28 20.75
CA SER B 168 7.17 18.68 21.15
C SER B 168 5.89 19.33 20.66
N THR B 169 5.06 18.63 19.90
CA THR B 169 3.81 19.18 19.39
C THR B 169 2.90 18.07 18.86
CHA HEM C . -3.13 15.84 -9.61
CHB HEM C . -1.11 12.67 -12.69
CHC HEM C . 0.39 10.03 -8.90
CHD HEM C . -2.13 12.89 -5.88
C1A HEM C . -2.77 15.19 -10.77
C2A HEM C . -3.15 15.57 -12.12
C3A HEM C . -2.60 14.69 -12.97
C4A HEM C . -1.84 13.73 -12.19
CMA HEM C . -2.74 14.70 -14.51
CAA HEM C . -4.06 16.75 -12.50
CBA HEM C . -3.35 18.08 -12.32
CGA HEM C . -4.33 19.18 -12.63
O1A HEM C . -5.46 18.86 -13.09
O2A HEM C . -3.98 20.38 -12.41
C1B HEM C . -0.49 11.69 -11.93
C2B HEM C . 0.34 10.60 -12.44
C3B HEM C . 0.73 9.86 -11.39
C4B HEM C . 0.19 10.47 -10.19
CMB HEM C . 0.63 10.38 -13.94
CAB HEM C . 1.64 8.61 -11.33
CBB HEM C . 2.37 8.14 -12.35
C1C HEM C . -0.20 10.53 -7.76
C2C HEM C . -0.15 9.96 -6.43
C3C HEM C . -0.83 10.75 -5.60
C4C HEM C . -1.36 11.86 -6.36
CMC HEM C . 0.59 8.65 -6.04
CAC HEM C . -1.04 10.51 -4.09
CBC HEM C . -1.77 9.47 -3.66
C1D HEM C . -2.59 13.97 -6.62
C2D HEM C . -3.32 15.13 -6.11
C3D HEM C . -3.59 15.93 -7.14
C4D HEM C . -3.06 15.31 -8.34
CMD HEM C . -3.70 15.38 -4.63
CAD HEM C . -4.34 17.27 -7.09
CBD HEM C . -5.85 17.05 -7.05
CGD HEM C . -6.51 18.40 -6.90
O1D HEM C . -7.54 18.48 -6.19
O2D HEM C . -6.01 19.38 -7.49
NA HEM C . -1.96 14.07 -10.86
NB HEM C . -0.55 11.57 -10.56
NC HEM C . -0.95 11.69 -7.68
ND HEM C . -2.45 14.13 -7.99
FE HEM C . -1.38 12.94 -9.26
CHA HEM D . 10.57 -1.20 16.71
CHB HEM D . 8.97 0.24 12.35
CHC HEM D . 4.49 -1.05 13.68
CHD HEM D . 6.39 -3.60 17.34
C1A HEM D . 10.55 -0.68 15.42
C2A HEM D . 11.67 -0.15 14.67
C3A HEM D . 11.23 0.25 13.48
C4A HEM D . 9.80 -0.02 13.42
CMA HEM D . 12.08 0.88 12.35
CAA HEM D . 13.14 -0.04 15.14
CBA HEM D . 13.78 -1.41 15.14
CGA HEM D . 15.19 -1.26 15.67
O1A HEM D . 15.74 -2.26 16.22
O2A HEM D . 15.75 -0.15 15.55
C1B HEM D . 7.61 0.03 12.31
C2B HEM D . 6.72 0.33 11.22
C3B HEM D . 5.49 -0.01 11.57
C4B HEM D . 5.54 -0.56 12.92
CMB HEM D . 7.13 0.96 9.87
CAB HEM D . 4.24 0.16 10.66
CBB HEM D . 3.02 -0.19 11.07
C1C HEM D . 4.61 -1.88 14.78
C2C HEM D . 3.51 -2.56 15.45
C3C HEM D . 4.04 -3.27 16.46
C4C HEM D . 5.48 -3.07 16.47
CMC HEM D . 2.02 -2.48 15.07
CAC HEM D . 3.27 -4.16 17.46
CBC HEM D . 2.42 -3.59 18.32
C1D HEM D . 7.67 -3.12 17.57
C2D HEM D . 8.51 -3.37 18.72
C3D HEM D . 9.67 -2.71 18.55
C4D HEM D . 9.60 -2.00 17.28
CMD HEM D . 8.16 -4.25 19.94
CAD HEM D . 10.84 -2.72 19.56
CBD HEM D . 12.16 -3.06 18.89
CGD HEM D . 13.28 -2.92 19.90
O1D HEM D . 12.98 -2.65 21.08
O2D HEM D . 14.47 -3.06 19.50
NA HEM D . 9.43 -0.59 14.63
NB HEM D . 6.85 -0.52 13.33
NC HEM D . 5.78 -2.21 15.42
ND HEM D . 8.36 -2.28 16.72
FE HEM D . 7.59 -1.36 15.06
#